data_8XHY
#
_entry.id   8XHY
#
_cell.length_a   47.320
_cell.length_b   81.970
_cell.length_c   82.150
_cell.angle_alpha   90.000
_cell.angle_beta   90.000
_cell.angle_gamma   90.000
#
_symmetry.space_group_name_H-M   'P 21 21 21'
#
loop_
_entity.id
_entity.type
_entity.pdbx_description
1 polymer 'Fe/2OG dependent dioxygenase'
2 non-polymer 'FE (II) ION'
3 non-polymer '2-OXOGLUTARIC ACID'
4 non-polymer (3~{S},6~{S})-3-[(2~{S})-butan-2-yl]-6-(2-methylpropyl)piperazine-2,5-dione
5 non-polymer GLYCEROL
6 water water
#
_entity_poly.entity_id   1
_entity_poly.type   'polypeptide(L)'
_entity_poly.pdbx_seq_one_letter_code
;MASPDSATLREPVVLPPMPGEHEARAAYPPIGLERSRVTGGRLVFDRDEGFDRALAQGFFLVRIPEGTDPAAGDRFAAHF
HEERAGGDPLDAYRGYRHVRVPGDYQGYFDREHDQWENFYVERDNWDVLPSEVARVGRGMAGLGVTILRGVLEHLRLPRE
HWARVTGGLTEDRGHQMLAFNHFRSHKGVRGSKFHRDSGWVTVLRSVDPGLLALVDGRLWAVDPEPGHFIVNFGSSLEVL
TERLDRPVRANVHGVVSTERAPGQPDRTSYVTFLDSDLTGTVYRFENGTPRPLQSVAEFAGQEVGRAYDDSGALEHHHHH
HHH
;
_entity_poly.pdbx_strand_id   A
#
loop_
_chem_comp.id
_chem_comp.type
_chem_comp.name
_chem_comp.formula
A1LVH non-polymer (3~{S},6~{S})-3-[(2~{S})-butan-2-yl]-6-(2-methylpropyl)piperazine-2,5-dione 'C12 H22 N2 O2'
AKG non-polymer '2-OXOGLUTARIC ACID' 'C5 H6 O5'
FE2 non-polymer 'FE (II) ION' 'Fe 2'
GOL non-polymer GLYCEROL 'C3 H8 O3'
#
# COMPACT_ATOMS: atom_id res chain seq x y z
N SER A 6 -9.79 11.38 -19.52
CA SER A 6 -10.17 10.31 -18.59
C SER A 6 -10.88 10.87 -17.35
N ALA A 7 -11.90 10.16 -16.87
CA ALA A 7 -12.71 10.72 -15.79
C ALA A 7 -12.08 10.55 -14.42
N THR A 8 -10.95 9.82 -14.32
CA THR A 8 -10.29 9.50 -13.06
C THR A 8 -8.92 10.15 -12.91
N LEU A 9 -8.57 11.14 -13.76
CA LEU A 9 -7.27 11.78 -13.70
C LEU A 9 -7.05 12.53 -12.39
N ARG A 10 -8.05 13.32 -11.97
CA ARG A 10 -7.95 14.24 -10.83
C ARG A 10 -6.95 15.35 -11.12
N GLU A 11 -6.88 16.34 -10.27
CA GLU A 11 -6.15 17.52 -10.70
C GLU A 11 -4.65 17.27 -10.58
N PRO A 12 -3.85 18.03 -11.34
CA PRO A 12 -2.40 17.76 -11.38
C PRO A 12 -1.77 17.96 -10.02
N VAL A 13 -0.80 17.10 -9.72
CA VAL A 13 -0.01 17.20 -8.50
C VAL A 13 1.43 17.32 -8.92
N VAL A 14 2.05 18.46 -8.58
CA VAL A 14 3.47 18.65 -8.85
C VAL A 14 4.27 17.84 -7.84
N LEU A 15 5.15 17.00 -8.34
CA LEU A 15 5.97 16.13 -7.48
C LEU A 15 7.37 16.74 -7.33
N PRO A 16 7.82 17.08 -6.13
CA PRO A 16 9.15 17.64 -5.96
C PRO A 16 10.21 16.56 -6.08
N PRO A 17 11.48 16.93 -6.25
CA PRO A 17 12.57 15.95 -6.16
C PRO A 17 12.52 15.28 -4.80
N MET A 18 12.93 14.02 -4.75
CA MET A 18 12.86 13.31 -3.48
C MET A 18 14.06 13.65 -2.60
N PRO A 19 13.86 14.09 -1.37
CA PRO A 19 15.01 14.40 -0.50
C PRO A 19 15.77 13.15 -0.09
N GLY A 20 17.01 13.37 0.34
CA GLY A 20 17.80 12.32 0.94
C GLY A 20 17.33 12.01 2.35
N GLU A 21 17.66 10.80 2.80
CA GLU A 21 17.17 10.35 4.11
C GLU A 21 17.61 11.30 5.21
N HIS A 22 18.89 11.65 5.27
CA HIS A 22 19.36 12.44 6.40
C HIS A 22 18.72 13.83 6.40
N GLU A 23 18.71 14.49 5.24
CA GLU A 23 18.17 15.85 5.23
C GLU A 23 16.67 15.85 5.49
N ALA A 24 15.95 14.80 5.07
CA ALA A 24 14.52 14.73 5.35
C ALA A 24 14.24 14.50 6.82
N ARG A 25 15.12 13.79 7.51
CA ARG A 25 14.81 13.29 8.84
C ARG A 25 14.46 14.43 9.79
N ALA A 26 15.23 15.52 9.77
CA ALA A 26 14.92 16.68 10.59
C ALA A 26 14.06 17.72 9.89
N ALA A 27 14.11 17.80 8.57
CA ALA A 27 13.40 18.89 7.88
C ALA A 27 11.90 18.69 7.89
N TYR A 28 11.43 17.45 7.83
CA TYR A 28 10.00 17.17 7.65
C TYR A 28 9.45 16.42 8.84
N PRO A 29 8.81 17.11 9.75
CA PRO A 29 8.35 16.49 10.99
C PRO A 29 7.22 15.50 10.71
N PRO A 30 6.97 14.57 11.64
CA PRO A 30 6.01 13.50 11.40
C PRO A 30 4.56 13.91 11.64
N ILE A 31 3.67 13.36 10.80
CA ILE A 31 2.24 13.49 11.03
C ILE A 31 1.87 12.79 12.31
N GLY A 32 0.93 13.38 13.07
CA GLY A 32 0.44 12.69 14.24
C GLY A 32 -0.67 11.74 13.84
N LEU A 33 -0.46 10.41 13.91
CA LEU A 33 -1.41 9.42 13.42
C LEU A 33 -2.36 8.97 14.52
N GLU A 34 -3.63 8.81 14.16
CA GLU A 34 -4.60 8.19 15.06
C GLU A 34 -4.30 6.71 15.22
N ARG A 35 -4.46 6.20 16.44
CA ARG A 35 -4.27 4.78 16.69
C ARG A 35 -5.62 4.07 16.74
N SER A 36 -5.62 2.80 16.34
CA SER A 36 -6.83 2.01 16.20
C SER A 36 -6.43 0.55 16.38
N ARG A 37 -7.45 -0.29 16.56
CA ARG A 37 -7.20 -1.73 16.59
C ARG A 37 -8.48 -2.40 16.11
N VAL A 38 -8.37 -3.68 15.74
CA VAL A 38 -9.56 -4.47 15.48
C VAL A 38 -9.89 -5.20 16.78
N THR A 39 -11.10 -4.95 17.29
CA THR A 39 -11.50 -5.52 18.56
C THR A 39 -13.01 -5.62 18.52
N GLY A 40 -13.53 -6.68 19.15
CA GLY A 40 -14.93 -6.96 18.95
C GLY A 40 -15.28 -7.15 17.49
N GLY A 41 -14.30 -7.57 16.67
CA GLY A 41 -14.55 -7.89 15.28
C GLY A 41 -14.75 -6.67 14.39
N ARG A 42 -14.26 -5.51 14.80
CA ARG A 42 -14.38 -4.34 13.92
C ARG A 42 -13.27 -3.35 14.22
N LEU A 43 -13.03 -2.46 13.26
CA LEU A 43 -12.01 -1.43 13.48
C LEU A 43 -12.52 -0.44 14.51
N VAL A 44 -11.73 -0.21 15.55
CA VAL A 44 -12.10 0.77 16.58
C VAL A 44 -10.92 1.73 16.83
N PHE A 45 -11.19 3.03 16.72
CA PHE A 45 -10.18 4.04 17.02
C PHE A 45 -10.12 4.37 18.51
N ASP A 46 -8.91 4.64 19.01
CA ASP A 46 -8.74 4.97 20.43
C ASP A 46 -9.53 6.21 20.82
N ARG A 47 -9.58 7.21 19.96
CA ARG A 47 -10.19 8.49 20.29
C ARG A 47 -11.52 8.68 19.57
N ASP A 48 -12.41 9.45 20.21
CA ASP A 48 -13.80 9.45 19.75
C ASP A 48 -13.94 9.98 18.33
N GLU A 49 -13.19 11.03 17.99
CA GLU A 49 -13.21 11.54 16.63
C GLU A 49 -12.08 10.96 15.75
N GLY A 50 -11.43 9.88 16.19
CA GLY A 50 -10.27 9.34 15.48
C GLY A 50 -10.59 8.83 14.09
N PHE A 51 -11.73 8.16 13.94
CA PHE A 51 -12.11 7.68 12.62
C PHE A 51 -12.27 8.84 11.63
N ASP A 52 -13.03 9.87 12.00
CA ASP A 52 -13.17 11.00 11.07
C ASP A 52 -11.82 11.62 10.76
N ARG A 53 -10.96 11.77 11.77
CA ARG A 53 -9.66 12.41 11.54
C ARG A 53 -8.78 11.54 10.65
N ALA A 54 -8.88 10.21 10.78
CA ALA A 54 -8.04 9.33 9.97
C ALA A 54 -8.46 9.35 8.50
N LEU A 55 -9.77 9.44 8.23
CA LEU A 55 -10.23 9.51 6.84
C LEU A 55 -9.79 10.82 6.19
N ALA A 56 -9.78 11.89 6.96
CA ALA A 56 -9.30 13.17 6.47
C ALA A 56 -7.78 13.14 6.31
N GLN A 57 -7.07 12.56 7.28
CA GLN A 57 -5.61 12.52 7.22
C GLN A 57 -5.14 11.61 6.09
N GLY A 58 -5.87 10.53 5.84
CA GLY A 58 -5.49 9.56 4.84
C GLY A 58 -4.39 8.61 5.28
N PHE A 59 -3.93 8.72 6.54
CA PHE A 59 -2.97 7.78 7.14
C PHE A 59 -3.37 7.57 8.59
N PHE A 60 -3.19 6.34 9.11
CA PHE A 60 -3.37 6.12 10.55
C PHE A 60 -2.63 4.83 10.92
N LEU A 61 -2.66 4.49 12.20
CA LEU A 61 -2.00 3.31 12.74
C LEU A 61 -3.03 2.31 13.22
N VAL A 62 -2.75 1.02 13.00
CA VAL A 62 -3.62 -0.04 13.47
C VAL A 62 -2.74 -1.11 14.12
N ARG A 63 -3.17 -1.57 15.30
CA ARG A 63 -2.39 -2.61 15.98
C ARG A 63 -2.28 -3.87 15.14
N ILE A 64 -1.09 -4.44 15.12
CA ILE A 64 -0.92 -5.74 14.47
C ILE A 64 -1.75 -6.77 15.23
N PRO A 65 -2.69 -7.46 14.58
CA PRO A 65 -3.53 -8.42 15.32
C PRO A 65 -2.69 -9.56 15.85
N GLU A 66 -3.10 -10.12 16.99
CA GLU A 66 -2.29 -11.15 17.64
C GLU A 66 -2.08 -12.37 16.75
N GLY A 67 -3.04 -12.69 15.88
CA GLY A 67 -2.86 -13.85 15.01
C GLY A 67 -1.95 -13.65 13.83
N THR A 68 -1.46 -12.42 13.62
CA THR A 68 -0.54 -12.11 12.53
C THR A 68 0.84 -11.89 13.13
N ASP A 69 1.79 -12.80 12.88
CA ASP A 69 3.14 -12.58 13.36
C ASP A 69 4.01 -12.13 12.20
N PRO A 70 4.53 -10.90 12.19
CA PRO A 70 5.28 -10.43 11.01
C PRO A 70 6.61 -11.13 10.80
N ALA A 71 7.06 -11.97 11.74
CA ALA A 71 8.43 -12.48 11.67
C ALA A 71 8.77 -13.07 10.31
N ALA A 72 7.94 -13.99 9.78
CA ALA A 72 8.31 -14.62 8.52
C ALA A 72 8.32 -13.61 7.38
N GLY A 73 7.38 -12.65 7.41
CA GLY A 73 7.39 -11.62 6.38
C GLY A 73 8.63 -10.75 6.47
N ASP A 74 9.04 -10.40 7.69
CA ASP A 74 10.26 -9.62 7.89
C ASP A 74 11.46 -10.35 7.32
N ARG A 75 11.56 -11.66 7.60
CA ARG A 75 12.72 -12.40 7.12
C ARG A 75 12.69 -12.49 5.58
N PHE A 76 11.50 -12.71 5.01
CA PHE A 76 11.40 -12.79 3.56
C PHE A 76 11.76 -11.45 2.94
N ALA A 77 11.30 -10.36 3.54
CA ALA A 77 11.61 -9.05 2.98
C ALA A 77 13.11 -8.79 2.92
N ALA A 78 13.89 -9.29 3.91
CA ALA A 78 15.33 -9.06 3.95
C ALA A 78 16.12 -9.90 2.96
N HIS A 79 15.52 -10.91 2.35
CA HIS A 79 16.28 -11.87 1.56
C HIS A 79 15.76 -12.14 0.16
N PHE A 80 14.50 -11.80 -0.16
CA PHE A 80 13.90 -12.26 -1.41
C PHE A 80 14.70 -11.83 -2.63
N HIS A 81 15.37 -10.68 -2.55
CA HIS A 81 16.06 -10.09 -3.69
C HIS A 81 17.45 -10.68 -3.91
N GLU A 82 17.96 -11.48 -2.98
CA GLU A 82 19.32 -12.00 -3.07
C GLU A 82 19.40 -13.21 -4.02
N GLU A 83 20.61 -13.40 -4.58
CA GLU A 83 20.90 -14.64 -5.26
C GLU A 83 20.98 -15.77 -4.24
N ARG A 84 20.61 -16.97 -4.67
CA ARG A 84 20.85 -18.15 -3.82
C ARG A 84 22.33 -18.28 -3.44
N ALA A 85 22.57 -18.64 -2.18
CA ALA A 85 23.94 -18.83 -1.70
C ALA A 85 24.49 -20.22 -2.07
N GLY A 86 23.62 -21.21 -2.21
CA GLY A 86 24.06 -22.59 -2.37
C GLY A 86 24.30 -23.24 -1.01
N GLY A 87 23.77 -24.45 -0.82
CA GLY A 87 23.93 -25.21 0.43
C GLY A 87 23.48 -24.47 1.66
N ASP A 88 22.35 -23.74 1.56
CA ASP A 88 21.93 -22.82 2.62
C ASP A 88 20.42 -22.88 2.75
N PRO A 89 19.90 -23.33 3.89
CA PRO A 89 18.44 -23.41 4.08
C PRO A 89 17.71 -22.11 3.84
N LEU A 90 18.36 -20.97 4.08
CA LEU A 90 17.73 -19.68 3.87
C LEU A 90 17.52 -19.41 2.39
N ASP A 91 18.09 -20.20 1.50
CA ASP A 91 17.85 -19.98 0.09
C ASP A 91 16.38 -20.14 -0.26
N ALA A 92 15.60 -20.82 0.61
CA ALA A 92 14.15 -20.88 0.45
C ALA A 92 13.53 -19.50 0.38
N TYR A 93 14.22 -18.48 0.88
CA TYR A 93 13.74 -17.10 0.91
C TYR A 93 14.49 -16.21 -0.06
N ARG A 94 15.28 -16.79 -0.97
CA ARG A 94 16.09 -16.06 -1.92
C ARG A 94 15.70 -16.44 -3.34
N GLY A 95 16.23 -15.66 -4.29
CA GLY A 95 16.11 -16.03 -5.69
C GLY A 95 14.84 -15.57 -6.38
N TYR A 96 14.03 -14.76 -5.71
CA TYR A 96 12.71 -14.47 -6.27
C TYR A 96 12.78 -13.45 -7.40
N ARG A 97 13.92 -12.82 -7.62
CA ARG A 97 14.05 -12.06 -8.84
C ARG A 97 13.97 -12.98 -10.07
N HIS A 98 14.14 -14.29 -9.88
CA HIS A 98 14.07 -15.27 -10.95
C HIS A 98 12.77 -16.08 -10.95
N VAL A 99 11.77 -15.69 -10.16
CA VAL A 99 10.52 -16.42 -10.01
C VAL A 99 9.41 -15.71 -10.79
N ARG A 100 8.87 -16.39 -11.80
CA ARG A 100 7.80 -15.79 -12.57
C ARG A 100 6.48 -15.95 -11.85
N VAL A 101 5.64 -14.93 -11.92
CA VAL A 101 4.34 -14.95 -11.30
C VAL A 101 3.35 -14.53 -12.37
N PRO A 102 2.40 -15.39 -12.77
CA PRO A 102 1.50 -15.05 -13.86
C PRO A 102 0.47 -13.99 -13.45
N GLY A 103 0.35 -12.95 -14.25
CA GLY A 103 -0.73 -11.99 -14.06
C GLY A 103 -0.15 -10.61 -14.22
N ASP A 104 -1.02 -9.67 -14.64
CA ASP A 104 -0.62 -8.28 -14.77
C ASP A 104 -0.19 -7.72 -13.43
N TYR A 105 0.93 -7.00 -13.44
CA TYR A 105 1.47 -6.26 -12.29
C TYR A 105 2.04 -7.16 -11.21
N GLN A 106 2.26 -8.44 -11.49
CA GLN A 106 2.78 -9.38 -10.51
C GLN A 106 4.16 -9.86 -10.93
N GLY A 107 4.91 -10.35 -9.94
CA GLY A 107 6.25 -10.86 -10.12
C GLY A 107 7.32 -9.90 -9.63
N TYR A 108 8.53 -10.13 -10.10
CA TYR A 108 9.66 -9.28 -9.76
C TYR A 108 9.73 -8.06 -10.68
N PHE A 109 10.07 -6.89 -10.10
CA PHE A 109 10.24 -5.66 -10.88
C PHE A 109 11.50 -4.94 -10.44
N ASP A 110 12.40 -4.71 -11.40
CA ASP A 110 13.59 -3.91 -11.19
C ASP A 110 13.23 -2.52 -11.70
N ARG A 111 12.93 -1.61 -10.77
CA ARG A 111 12.51 -0.27 -11.17
C ARG A 111 13.72 0.54 -11.57
N GLU A 112 13.72 1.02 -12.81
CA GLU A 112 14.90 1.72 -13.33
C GLU A 112 15.21 2.98 -12.51
N HIS A 113 14.22 3.81 -12.23
CA HIS A 113 14.51 5.13 -11.69
C HIS A 113 14.22 5.23 -10.21
N ASP A 114 14.06 4.10 -9.51
CA ASP A 114 13.77 4.11 -8.10
C ASP A 114 14.77 3.20 -7.40
N GLN A 115 15.01 3.47 -6.11
CA GLN A 115 15.80 2.51 -5.33
C GLN A 115 15.11 1.17 -5.21
N TRP A 116 13.78 1.14 -5.04
CA TRP A 116 13.17 -0.14 -4.70
C TRP A 116 13.18 -1.08 -5.89
N GLU A 117 13.34 -2.37 -5.56
CA GLU A 117 12.94 -3.47 -6.43
C GLU A 117 11.83 -4.21 -5.69
N ASN A 118 10.87 -4.76 -6.44
CA ASN A 118 9.66 -5.30 -5.83
C ASN A 118 9.47 -6.76 -6.15
N PHE A 119 8.80 -7.47 -5.26
CA PHE A 119 8.24 -8.75 -5.62
C PHE A 119 6.78 -8.72 -5.20
N TYR A 120 5.88 -8.81 -6.19
CA TYR A 120 4.45 -8.62 -6.00
C TYR A 120 3.73 -9.93 -6.27
N VAL A 121 2.90 -10.39 -5.32
CA VAL A 121 2.21 -11.67 -5.48
C VAL A 121 0.77 -11.52 -5.05
N GLU A 122 -0.17 -11.68 -5.98
CA GLU A 122 -1.59 -11.70 -5.64
C GLU A 122 -1.95 -13.05 -5.02
N ARG A 123 -2.98 -13.02 -4.16
CA ARG A 123 -3.35 -14.15 -3.33
C ARG A 123 -3.52 -15.45 -4.11
N ASP A 124 -4.08 -15.40 -5.32
CA ASP A 124 -4.24 -16.65 -6.08
C ASP A 124 -2.91 -17.31 -6.39
N ASN A 125 -1.81 -16.56 -6.37
CA ASN A 125 -0.47 -17.06 -6.62
C ASN A 125 0.37 -17.23 -5.35
N TRP A 126 -0.25 -17.23 -4.16
CA TRP A 126 0.59 -17.27 -2.96
C TRP A 126 1.31 -18.61 -2.80
N ASP A 127 0.98 -19.64 -3.60
CA ASP A 127 1.75 -20.89 -3.48
C ASP A 127 3.20 -20.74 -3.90
N VAL A 128 3.55 -19.67 -4.62
CA VAL A 128 4.94 -19.43 -4.96
C VAL A 128 5.77 -18.97 -3.76
N LEU A 129 5.11 -18.58 -2.66
CA LEU A 129 5.76 -18.13 -1.43
C LEU A 129 5.89 -19.26 -0.43
N PRO A 130 6.86 -19.19 0.49
CA PRO A 130 6.85 -20.08 1.66
C PRO A 130 5.51 -19.95 2.36
N SER A 131 4.95 -21.08 2.79
CA SER A 131 3.61 -21.03 3.34
C SER A 131 3.51 -20.08 4.54
N GLU A 132 4.56 -20.03 5.39
CA GLU A 132 4.55 -19.13 6.54
C GLU A 132 4.57 -17.66 6.11
N VAL A 133 5.15 -17.35 4.94
CA VAL A 133 5.14 -15.98 4.45
C VAL A 133 3.74 -15.64 3.91
N ALA A 134 3.15 -16.59 3.16
CA ALA A 134 1.79 -16.39 2.68
C ALA A 134 0.84 -16.17 3.85
N ARG A 135 1.11 -16.84 4.98
CA ARG A 135 0.25 -16.69 6.15
C ARG A 135 0.28 -15.26 6.69
N VAL A 136 1.43 -14.58 6.58
CA VAL A 136 1.46 -13.18 6.98
C VAL A 136 0.60 -12.35 6.04
N GLY A 137 0.68 -12.63 4.73
CA GLY A 137 -0.14 -11.87 3.79
C GLY A 137 -1.60 -12.08 4.05
N ARG A 138 -1.98 -13.31 4.47
CA ARG A 138 -3.38 -13.61 4.75
C ARG A 138 -3.91 -12.77 5.89
N GLY A 139 -3.10 -12.64 6.96
CA GLY A 139 -3.49 -11.83 8.10
C GLY A 139 -3.57 -10.35 7.77
N MET A 140 -2.62 -9.84 6.98
CA MET A 140 -2.66 -8.43 6.60
C MET A 140 -3.83 -8.12 5.67
N ALA A 141 -4.02 -8.96 4.64
CA ALA A 141 -5.10 -8.73 3.70
C ALA A 141 -6.46 -8.81 4.40
N GLY A 142 -6.65 -9.82 5.26
CA GLY A 142 -7.89 -9.94 6.03
C GLY A 142 -8.18 -8.74 6.90
N LEU A 143 -7.16 -8.24 7.60
CA LEU A 143 -7.24 -6.95 8.28
C LEU A 143 -7.69 -5.84 7.34
N GLY A 144 -7.06 -5.76 6.16
CA GLY A 144 -7.38 -4.71 5.19
C GLY A 144 -8.83 -4.75 4.73
N VAL A 145 -9.37 -5.95 4.56
CA VAL A 145 -10.79 -6.07 4.21
C VAL A 145 -11.69 -5.60 5.35
N THR A 146 -11.36 -5.99 6.60
CA THR A 146 -12.11 -5.51 7.76
C THR A 146 -12.06 -4.00 7.83
N ILE A 147 -10.89 -3.41 7.63
CA ILE A 147 -10.78 -1.95 7.61
C ILE A 147 -11.66 -1.36 6.52
N LEU A 148 -11.62 -1.95 5.31
CA LEU A 148 -12.41 -1.41 4.21
C LEU A 148 -13.89 -1.43 4.57
N ARG A 149 -14.36 -2.57 5.11
CA ARG A 149 -15.75 -2.63 5.60
C ARG A 149 -16.03 -1.55 6.62
N GLY A 150 -15.10 -1.35 7.56
CA GLY A 150 -15.31 -0.35 8.58
C GLY A 150 -15.38 1.06 8.02
N VAL A 151 -14.56 1.36 7.00
CA VAL A 151 -14.59 2.68 6.34
C VAL A 151 -15.94 2.91 5.68
N LEU A 152 -16.37 1.95 4.86
CA LEU A 152 -17.60 2.16 4.11
C LEU A 152 -18.80 2.29 5.02
N GLU A 153 -18.83 1.50 6.10
CA GLU A 153 -19.86 1.66 7.13
C GLU A 153 -19.78 3.02 7.78
N HIS A 154 -18.57 3.49 8.11
CA HIS A 154 -18.44 4.80 8.76
C HIS A 154 -18.94 5.92 7.83
N LEU A 155 -18.72 5.77 6.54
CA LEU A 155 -19.21 6.73 5.53
C LEU A 155 -20.70 6.64 5.33
N ARG A 156 -21.35 5.66 5.95
CA ARG A 156 -22.76 5.37 5.75
C ARG A 156 -23.09 5.12 4.28
N LEU A 157 -22.17 4.51 3.49
CA LEU A 157 -22.52 4.11 2.11
C LEU A 157 -23.40 2.87 2.16
N PRO A 158 -24.55 2.87 1.50
CA PRO A 158 -25.45 1.70 1.58
C PRO A 158 -24.75 0.41 1.18
N ARG A 159 -24.93 -0.63 2.01
CA ARG A 159 -24.21 -1.88 1.82
C ARG A 159 -24.54 -2.56 0.51
N GLU A 160 -25.70 -2.26 -0.08
CA GLU A 160 -26.08 -2.95 -1.31
C GLU A 160 -25.11 -2.67 -2.45
N HIS A 161 -24.34 -1.57 -2.36
CA HIS A 161 -23.39 -1.17 -3.38
C HIS A 161 -22.02 -1.79 -3.24
N TRP A 162 -21.68 -2.33 -2.06
CA TRP A 162 -20.27 -2.49 -1.70
C TRP A 162 -19.58 -3.49 -2.59
N ALA A 163 -20.19 -4.66 -2.80
CA ALA A 163 -19.54 -5.71 -3.57
C ALA A 163 -19.26 -5.24 -5.00
N ARG A 164 -20.21 -4.52 -5.60
CA ARG A 164 -20.00 -4.05 -6.97
C ARG A 164 -18.89 -3.01 -7.02
N VAL A 165 -18.98 -1.99 -6.16
CA VAL A 165 -18.09 -0.87 -6.33
C VAL A 165 -16.68 -1.21 -5.88
N THR A 166 -16.48 -2.18 -4.98
CA THR A 166 -15.13 -2.57 -4.57
C THR A 166 -14.62 -3.76 -5.38
N GLY A 167 -15.28 -4.10 -6.47
CA GLY A 167 -14.80 -5.21 -7.30
C GLY A 167 -14.60 -6.48 -6.52
N GLY A 168 -15.48 -6.77 -5.55
CA GLY A 168 -15.45 -8.02 -4.79
C GLY A 168 -14.73 -7.96 -3.44
N LEU A 169 -13.95 -6.90 -3.20
CA LEU A 169 -13.11 -6.87 -2.00
C LEU A 169 -13.94 -7.06 -0.72
N THR A 170 -15.09 -6.38 -0.61
CA THR A 170 -15.84 -6.53 0.63
C THR A 170 -16.46 -7.92 0.80
N GLU A 171 -16.50 -8.72 -0.27
CA GLU A 171 -16.89 -10.12 -0.20
C GLU A 171 -15.67 -11.02 -0.09
N ASP A 172 -14.51 -10.44 0.24
CA ASP A 172 -13.23 -11.18 0.35
C ASP A 172 -12.86 -11.82 -0.97
N ARG A 173 -13.20 -11.15 -2.06
CA ARG A 173 -12.66 -11.46 -3.38
C ARG A 173 -11.79 -10.27 -3.81
N GLY A 174 -11.89 -9.81 -5.04
CA GLY A 174 -11.01 -8.73 -5.48
C GLY A 174 -9.58 -9.20 -5.71
N HIS A 175 -8.69 -8.23 -5.80
CA HIS A 175 -7.29 -8.44 -6.15
C HIS A 175 -6.50 -8.08 -4.88
N GLN A 176 -6.00 -9.11 -4.18
CA GLN A 176 -5.41 -8.92 -2.87
C GLN A 176 -3.94 -9.28 -3.00
N MET A 177 -3.05 -8.28 -2.92
CA MET A 177 -1.68 -8.49 -3.36
C MET A 177 -0.68 -8.23 -2.25
N LEU A 178 0.15 -9.22 -1.93
CA LEU A 178 1.26 -9.04 -1.02
C LEU A 178 2.45 -8.51 -1.82
N ALA A 179 3.12 -7.50 -1.28
CA ALA A 179 4.09 -6.76 -2.05
C ALA A 179 5.32 -6.53 -1.20
N PHE A 180 6.49 -7.01 -1.65
CA PHE A 180 7.74 -6.86 -0.91
C PHE A 180 8.61 -5.81 -1.56
N ASN A 181 9.17 -4.91 -0.75
CA ASN A 181 10.00 -3.82 -1.26
C ASN A 181 11.40 -3.91 -0.67
N HIS A 182 12.42 -3.89 -1.53
CA HIS A 182 13.80 -3.73 -1.07
C HIS A 182 14.36 -2.46 -1.66
N PHE A 183 14.73 -1.51 -0.80
CA PHE A 183 15.25 -0.24 -1.26
C PHE A 183 16.76 -0.40 -1.46
N ARG A 184 17.19 -0.38 -2.72
CA ARG A 184 18.62 -0.57 -2.98
C ARG A 184 19.33 0.73 -2.65
N SER A 185 19.98 0.76 -1.47
CA SER A 185 20.65 1.96 -1.01
C SER A 185 21.81 2.36 -1.89
N HIS A 186 22.36 1.44 -2.69
CA HIS A 186 23.46 1.78 -3.59
C HIS A 186 23.02 2.64 -4.77
N LYS A 187 21.72 2.78 -5.01
CA LYS A 187 21.23 3.61 -6.11
C LYS A 187 21.01 5.03 -5.61
N GLY A 188 21.60 6.00 -6.29
CA GLY A 188 21.55 7.39 -5.84
C GLY A 188 20.31 8.13 -6.31
N VAL A 189 19.15 7.52 -6.17
CA VAL A 189 17.89 8.08 -6.64
C VAL A 189 16.88 8.03 -5.49
N ARG A 190 15.72 8.62 -5.75
CA ARG A 190 14.55 8.47 -4.87
C ARG A 190 14.29 7.02 -4.46
N GLY A 191 13.85 6.83 -3.21
CA GLY A 191 13.48 5.47 -2.76
C GLY A 191 12.36 4.90 -3.61
N SER A 192 11.29 5.69 -3.78
CA SER A 192 10.25 5.44 -4.77
C SER A 192 9.90 6.78 -5.41
N LYS A 193 9.17 6.72 -6.52
CA LYS A 193 8.49 7.93 -6.99
C LYS A 193 7.40 8.33 -5.98
N PHE A 194 7.06 9.63 -5.96
CA PHE A 194 5.85 10.00 -5.26
C PHE A 194 4.67 9.39 -6.00
N HIS A 195 3.75 8.76 -5.27
CA HIS A 195 2.67 8.03 -5.92
C HIS A 195 1.45 7.98 -4.99
N ARG A 196 0.28 7.75 -5.59
CA ARG A 196 -0.86 7.22 -4.86
C ARG A 196 -0.95 5.72 -5.10
N ASP A 197 -1.32 4.99 -4.08
CA ASP A 197 -1.61 3.57 -4.28
C ASP A 197 -2.92 3.50 -5.05
N SER A 198 -3.08 2.47 -5.88
CA SER A 198 -4.16 2.44 -6.86
C SER A 198 -5.50 2.02 -6.25
N GLY A 199 -5.45 1.28 -5.14
CA GLY A 199 -6.60 0.52 -4.71
C GLY A 199 -7.47 1.15 -3.63
N TRP A 200 -7.74 0.39 -2.57
CA TRP A 200 -8.72 0.80 -1.56
C TRP A 200 -8.06 1.08 -0.22
N VAL A 201 -7.53 0.06 0.42
CA VAL A 201 -6.88 0.13 1.73
C VAL A 201 -5.54 -0.58 1.58
N THR A 202 -4.45 0.13 1.91
CA THR A 202 -3.10 -0.46 1.93
C THR A 202 -2.69 -0.67 3.39
N VAL A 203 -2.22 -1.88 3.72
CA VAL A 203 -1.70 -2.18 5.05
C VAL A 203 -0.19 -2.33 4.94
N LEU A 204 0.56 -1.49 5.67
CA LEU A 204 2.00 -1.36 5.42
C LEU A 204 2.78 -1.78 6.66
N ARG A 205 3.64 -2.79 6.50
CA ARG A 205 4.59 -3.23 7.53
C ARG A 205 5.94 -2.58 7.22
N SER A 206 6.37 -1.66 8.08
CA SER A 206 7.69 -1.04 8.00
C SER A 206 8.16 -0.79 9.41
N VAL A 207 9.48 -0.66 9.58
CA VAL A 207 10.04 -0.29 10.87
C VAL A 207 10.94 0.93 10.78
N ASP A 208 11.34 1.37 9.59
CA ASP A 208 12.35 2.41 9.46
C ASP A 208 11.70 3.72 9.05
N PRO A 209 12.32 4.86 9.37
CA PRO A 209 11.86 6.13 8.77
C PRO A 209 12.11 6.12 7.27
N GLY A 210 11.47 7.08 6.60
CA GLY A 210 11.78 7.36 5.21
C GLY A 210 10.55 7.55 4.35
N LEU A 211 9.37 7.22 4.89
CA LEU A 211 8.16 7.46 4.12
C LEU A 211 7.76 8.94 4.30
N LEU A 212 7.45 9.64 3.20
CA LEU A 212 6.99 11.03 3.25
C LEU A 212 5.61 11.12 2.62
N ALA A 213 4.77 11.99 3.20
CA ALA A 213 3.51 12.40 2.62
C ALA A 213 3.65 13.77 1.98
N LEU A 214 3.11 13.93 0.77
CA LEU A 214 3.07 15.20 0.04
C LEU A 214 1.63 15.69 0.06
N VAL A 215 1.34 16.76 0.80
CA VAL A 215 -0.05 17.15 1.02
C VAL A 215 -0.13 18.65 0.72
N ASP A 216 -0.65 18.99 -0.45
CA ASP A 216 -0.87 20.40 -0.83
C ASP A 216 0.41 21.21 -0.66
N GLY A 217 1.50 20.66 -1.21
CA GLY A 217 2.77 21.34 -1.27
C GLY A 217 3.58 21.31 0.02
N ARG A 218 3.17 20.52 0.99
CA ARG A 218 3.91 20.34 2.23
C ARG A 218 4.40 18.89 2.25
N LEU A 219 5.63 18.68 2.73
CA LEU A 219 6.16 17.34 2.97
C LEU A 219 6.21 17.07 4.46
N TRP A 220 5.62 15.96 4.90
CA TRP A 220 5.64 15.53 6.28
C TRP A 220 6.03 14.07 6.34
N ALA A 221 6.74 13.69 7.39
CA ALA A 221 7.10 12.28 7.54
C ALA A 221 5.90 11.46 7.99
N VAL A 222 5.90 10.18 7.58
CA VAL A 222 4.98 9.18 8.12
C VAL A 222 5.83 8.13 8.77
N ASP A 223 5.79 8.08 10.10
CA ASP A 223 6.73 7.24 10.82
C ASP A 223 6.03 6.00 11.33
N PRO A 224 6.63 4.82 11.22
CA PRO A 224 6.00 3.63 11.80
C PRO A 224 6.01 3.69 13.32
N GLU A 225 5.21 2.81 13.89
CA GLU A 225 5.10 2.67 15.33
C GLU A 225 5.22 1.18 15.66
N PRO A 226 6.08 0.79 16.59
CA PRO A 226 6.24 -0.65 16.90
C PRO A 226 4.90 -1.28 17.21
N GLY A 227 4.69 -2.47 16.68
CA GLY A 227 3.50 -3.19 17.00
C GLY A 227 2.27 -2.75 16.24
N HIS A 228 2.41 -1.86 15.26
CA HIS A 228 1.31 -1.36 14.47
C HIS A 228 1.68 -1.46 13.01
N PHE A 229 0.67 -1.49 12.14
CA PHE A 229 0.85 -1.24 10.72
C PHE A 229 0.45 0.21 10.43
N ILE A 230 1.04 0.76 9.38
CA ILE A 230 0.56 2.03 8.81
C ILE A 230 -0.56 1.68 7.83
N VAL A 231 -1.65 2.46 7.82
CA VAL A 231 -2.75 2.23 6.87
C VAL A 231 -2.94 3.51 6.06
N ASN A 232 -3.07 3.36 4.74
CA ASN A 232 -3.49 4.49 3.93
C ASN A 232 -4.53 4.02 2.92
N PHE A 233 -5.03 4.98 2.15
CA PHE A 233 -6.07 4.65 1.21
C PHE A 233 -5.54 4.83 -0.20
N GLY A 234 -6.26 4.26 -1.15
CA GLY A 234 -5.86 4.25 -2.54
C GLY A 234 -6.80 5.04 -3.44
N SER A 235 -6.37 5.17 -4.71
CA SER A 235 -7.09 6.01 -5.67
C SER A 235 -8.50 5.51 -5.93
N SER A 236 -8.76 4.19 -5.82
CA SER A 236 -10.11 3.68 -6.11
C SER A 236 -11.11 4.17 -5.05
N LEU A 237 -10.70 4.18 -3.78
CA LEU A 237 -11.55 4.70 -2.72
C LEU A 237 -11.72 6.22 -2.85
N GLU A 238 -10.65 6.91 -3.25
CA GLU A 238 -10.76 8.36 -3.45
C GLU A 238 -11.73 8.69 -4.57
N VAL A 239 -11.62 8.00 -5.71
CA VAL A 239 -12.51 8.29 -6.83
C VAL A 239 -13.95 7.95 -6.47
N LEU A 240 -14.16 6.82 -5.77
CA LEU A 240 -15.50 6.45 -5.36
C LEU A 240 -16.18 7.58 -4.59
N THR A 241 -15.46 8.21 -3.68
CA THR A 241 -16.06 9.09 -2.70
C THR A 241 -15.85 10.58 -2.99
N GLU A 242 -15.21 10.97 -4.10
CA GLU A 242 -14.78 12.37 -4.21
C GLU A 242 -15.95 13.35 -4.29
N ARG A 243 -17.15 12.94 -4.74
CA ARG A 243 -18.31 13.84 -4.78
C ARG A 243 -19.19 13.75 -3.54
N LEU A 244 -18.87 12.87 -2.60
CA LEU A 244 -19.68 12.70 -1.40
C LEU A 244 -19.38 13.82 -0.40
N ASP A 245 -20.19 13.87 0.66
CA ASP A 245 -20.01 14.96 1.61
C ASP A 245 -18.77 14.77 2.49
N ARG A 246 -18.29 13.53 2.65
CA ARG A 246 -17.05 13.26 3.38
C ARG A 246 -16.13 12.47 2.45
N PRO A 247 -15.36 13.14 1.56
CA PRO A 247 -14.51 12.39 0.62
C PRO A 247 -13.33 11.78 1.34
N VAL A 248 -12.83 10.64 0.84
CA VAL A 248 -11.68 9.98 1.42
C VAL A 248 -10.48 10.30 0.54
N ARG A 249 -9.36 10.63 1.16
CA ARG A 249 -8.19 11.07 0.41
C ARG A 249 -7.18 9.92 0.26
N ALA A 250 -6.73 9.69 -0.97
CA ALA A 250 -5.59 8.80 -1.24
C ALA A 250 -4.35 9.67 -1.27
N ASN A 251 -3.56 9.64 -0.21
CA ASN A 251 -2.43 10.56 -0.14
C ASN A 251 -1.34 10.21 -1.15
N VAL A 252 -0.74 11.24 -1.72
CA VAL A 252 0.52 11.10 -2.43
C VAL A 252 1.65 10.90 -1.42
N HIS A 253 2.51 9.91 -1.67
CA HIS A 253 3.55 9.55 -0.70
C HIS A 253 4.70 8.89 -1.44
N GLY A 254 5.87 8.85 -0.79
CA GLY A 254 7.00 8.18 -1.44
C GLY A 254 8.11 8.07 -0.43
N VAL A 255 9.13 7.29 -0.79
CA VAL A 255 10.21 7.00 0.14
C VAL A 255 11.45 7.78 -0.26
N VAL A 256 12.08 8.39 0.75
CA VAL A 256 13.33 9.15 0.60
C VAL A 256 14.40 8.35 -0.14
N SER A 257 15.36 9.05 -0.71
CA SER A 257 16.58 8.37 -1.17
C SER A 257 17.32 7.86 0.06
N THR A 258 17.21 6.56 0.35
CA THR A 258 17.80 6.00 1.56
C THR A 258 19.31 6.05 1.48
N GLU A 259 19.95 6.15 2.64
CA GLU A 259 21.40 6.26 2.77
C GLU A 259 21.90 5.18 3.72
N ARG A 260 22.81 4.34 3.22
CA ARG A 260 23.41 3.28 4.04
C ARG A 260 24.90 3.19 3.75
N ALA A 261 25.71 3.25 4.79
CA ALA A 261 27.14 2.94 4.68
C ALA A 261 27.35 1.43 4.55
N PRO A 262 28.55 0.98 4.11
CA PRO A 262 28.79 -0.46 3.99
C PRO A 262 28.44 -1.18 5.28
N GLY A 263 27.78 -2.32 5.15
CA GLY A 263 27.44 -3.13 6.30
C GLY A 263 26.15 -2.73 6.99
N GLN A 264 25.61 -1.53 6.72
CA GLN A 264 24.32 -1.15 7.33
C GLN A 264 23.18 -1.75 6.52
N PRO A 265 22.27 -2.49 7.13
CA PRO A 265 21.22 -3.17 6.39
C PRO A 265 20.34 -2.19 5.61
N ASP A 266 19.99 -2.59 4.39
CA ASP A 266 19.09 -1.75 3.58
C ASP A 266 17.69 -1.65 4.21
N ARG A 267 16.97 -0.58 3.82
CA ARG A 267 15.56 -0.44 4.19
C ARG A 267 14.72 -1.42 3.39
N THR A 268 13.73 -2.02 4.03
CA THR A 268 12.76 -2.84 3.33
C THR A 268 11.39 -2.47 3.87
N SER A 269 10.36 -2.88 3.15
CA SER A 269 9.01 -2.81 3.69
C SER A 269 8.17 -3.81 2.92
N TYR A 270 6.97 -4.09 3.42
CA TYR A 270 6.02 -4.88 2.64
C TYR A 270 4.59 -4.51 3.00
N VAL A 271 3.68 -4.74 2.06
CA VAL A 271 2.31 -4.23 2.17
C VAL A 271 1.37 -5.28 1.61
N THR A 272 0.08 -5.14 1.95
CA THR A 272 -0.98 -5.76 1.14
C THR A 272 -1.77 -4.63 0.52
N PHE A 273 -1.83 -4.65 -0.80
CA PHE A 273 -2.68 -3.76 -1.59
C PHE A 273 -4.02 -4.46 -1.84
N LEU A 274 -5.10 -3.73 -1.64
CA LEU A 274 -6.42 -4.28 -1.93
C LEU A 274 -6.99 -3.47 -3.09
N ASP A 275 -7.03 -4.12 -4.26
CA ASP A 275 -7.53 -3.53 -5.48
C ASP A 275 -8.82 -4.24 -5.89
N SER A 276 -9.65 -3.51 -6.65
CA SER A 276 -10.80 -4.14 -7.30
C SER A 276 -10.34 -5.27 -8.20
N ASP A 277 -11.25 -6.21 -8.43
CA ASP A 277 -11.00 -7.24 -9.45
C ASP A 277 -10.64 -6.57 -10.78
N LEU A 278 -9.55 -7.05 -11.42
CA LEU A 278 -9.01 -6.31 -12.57
C LEU A 278 -9.91 -6.41 -13.81
N THR A 279 -10.92 -7.27 -13.80
CA THR A 279 -11.92 -7.35 -14.86
C THR A 279 -13.11 -6.45 -14.62
N GLY A 280 -13.12 -5.70 -13.53
CA GLY A 280 -14.27 -4.90 -13.15
C GLY A 280 -14.25 -3.50 -13.70
N THR A 281 -15.04 -2.64 -13.03
CA THR A 281 -15.30 -1.26 -13.39
C THR A 281 -15.01 -0.34 -12.20
N VAL A 282 -14.52 0.87 -12.51
CA VAL A 282 -14.29 1.92 -11.52
C VAL A 282 -15.52 2.81 -11.44
N TYR A 283 -16.08 2.98 -10.23
CA TYR A 283 -17.29 3.77 -10.01
C TYR A 283 -17.03 5.04 -9.22
N ARG A 284 -17.96 6.00 -9.35
CA ARG A 284 -17.94 7.21 -8.56
C ARG A 284 -19.38 7.54 -8.18
N PHE A 285 -19.66 7.75 -6.89
CA PHE A 285 -21.01 8.12 -6.51
C PHE A 285 -21.32 9.51 -7.04
N GLU A 286 -22.35 9.61 -7.88
CA GLU A 286 -22.88 10.88 -8.35
C GLU A 286 -24.40 10.82 -8.21
N ASN A 287 -24.97 11.78 -7.47
CA ASN A 287 -26.43 11.89 -7.40
CA ASN A 287 -26.43 11.92 -7.31
C ASN A 287 -27.02 10.62 -6.76
N GLY A 288 -26.29 10.05 -5.79
CA GLY A 288 -26.64 8.83 -5.07
C GLY A 288 -26.29 7.53 -5.76
N THR A 289 -25.94 7.55 -7.06
CA THR A 289 -25.75 6.31 -7.79
C THR A 289 -24.27 6.15 -8.11
N PRO A 290 -23.71 4.95 -7.94
CA PRO A 290 -22.33 4.72 -8.39
C PRO A 290 -22.26 4.66 -9.91
N ARG A 291 -21.65 5.73 -10.52
CA ARG A 291 -21.56 5.84 -11.97
C ARG A 291 -20.34 5.09 -12.49
N PRO A 292 -20.48 4.27 -13.53
CA PRO A 292 -19.29 3.60 -14.09
C PRO A 292 -18.46 4.60 -14.89
N LEU A 293 -17.18 4.70 -14.55
CA LEU A 293 -16.30 5.70 -15.15
C LEU A 293 -15.32 5.14 -16.16
N GLN A 294 -14.83 3.93 -15.94
CA GLN A 294 -13.62 3.45 -16.61
C GLN A 294 -13.47 2.00 -16.18
N SER A 295 -12.96 1.14 -17.07
CA SER A 295 -12.63 -0.21 -16.62
C SER A 295 -11.51 -0.15 -15.59
N VAL A 296 -11.50 -1.15 -14.69
CA VAL A 296 -10.35 -1.29 -13.79
C VAL A 296 -9.08 -1.53 -14.60
N ALA A 297 -9.17 -2.25 -15.72
CA ALA A 297 -7.98 -2.51 -16.53
C ALA A 297 -7.35 -1.20 -17.01
N GLU A 298 -8.17 -0.29 -17.51
CA GLU A 298 -7.59 0.95 -18.00
C GLU A 298 -7.13 1.84 -16.85
N PHE A 299 -7.92 1.88 -15.77
CA PHE A 299 -7.52 2.62 -14.57
C PHE A 299 -6.19 2.10 -14.01
N ALA A 300 -6.05 0.77 -13.93
CA ALA A 300 -4.80 0.22 -13.42
C ALA A 300 -3.63 0.65 -14.29
N GLY A 301 -3.80 0.59 -15.61
CA GLY A 301 -2.72 0.96 -16.51
C GLY A 301 -2.38 2.42 -16.34
N GLN A 302 -3.39 3.25 -16.17
CA GLN A 302 -3.19 4.66 -15.92
C GLN A 302 -2.41 4.90 -14.64
N GLU A 303 -2.83 4.24 -13.55
CA GLU A 303 -2.28 4.56 -12.25
C GLU A 303 -0.89 3.96 -12.08
N VAL A 304 -0.69 2.74 -12.60
CA VAL A 304 0.65 2.16 -12.60
C VAL A 304 1.58 2.96 -13.48
N GLY A 305 1.07 3.45 -14.62
CA GLY A 305 1.86 4.32 -15.48
C GLY A 305 2.37 5.59 -14.82
N ARG A 306 1.58 6.17 -13.88
CA ARG A 306 2.03 7.34 -13.13
C ARG A 306 2.98 7.00 -11.97
N ALA A 307 2.79 5.85 -11.34
CA ALA A 307 3.47 5.52 -10.10
C ALA A 307 4.93 5.16 -10.34
N TYR A 308 5.25 4.72 -11.55
CA TYR A 308 6.62 4.34 -11.91
C TYR A 308 6.95 5.02 -13.23
N ASP A 309 8.23 5.29 -13.44
CA ASP A 309 8.69 5.84 -14.73
C ASP A 309 9.29 4.66 -15.50
N ASP A 310 8.42 3.96 -16.23
CA ASP A 310 8.70 2.66 -16.80
C ASP A 310 8.50 2.77 -18.31
N SER A 311 9.61 2.70 -19.05
CA SER A 311 9.59 2.75 -20.52
C SER A 311 8.94 1.51 -21.15
N GLY A 312 8.65 0.46 -20.39
CA GLY A 312 8.03 -0.74 -20.93
C GLY A 312 6.59 -0.87 -20.51
FE FE2 B . 2.58 3.38 -1.65
C1 AKG C . 4.31 1.18 -1.37
O1 AKG C . 4.74 -0.03 -1.35
O2 AKG C . 3.39 1.52 -2.15
C2 AKG C . 4.82 2.20 -0.43
O5 AKG C . 4.40 3.37 -0.45
C3 AKG C . 5.89 1.80 0.56
C4 AKG C . 6.04 2.79 1.71
C5 AKG C . 7.23 2.47 2.61
O3 AKG C . 8.08 1.66 2.25
O4 AKG C . 7.34 3.07 3.72
C11 A1LVH D . -1.33 -2.29 -9.29
C14 A1LVH D . -2.75 -4.29 -8.83
C02 A1LVH D . 1.04 -0.22 -6.29
C03 A1LVH D . -0.47 -0.29 -6.22
C05 A1LVH D . -0.52 -2.21 -7.96
C06 A1LVH D . 0.95 -1.88 -8.24
C07 A1LVH D . 1.55 1.23 -6.16
C08 A1LVH D . 3.07 1.26 -5.62
C09 A1LVH D . 1.44 1.91 -7.51
C10 A1LVH D . 0.00 2.01 -8.23
C12 A1LVH D . -2.81 -2.75 -9.02
C13 A1LVH D . -3.71 -2.37 -10.21
N01 A1LVH D . 1.61 -0.94 -7.46
N04 A1LVH D . -1.15 -1.23 -7.00
O15 A1LVH D . 1.57 -2.42 -9.14
O16 A1LVH D . -1.08 0.46 -5.46
C1 GOL E . -8.71 -10.42 -9.66
O1 GOL E . -8.19 -9.48 -10.57
C2 GOL E . -7.52 -11.28 -9.13
O2 GOL E . -6.70 -11.83 -10.18
C3 GOL E . -8.21 -12.35 -8.26
O3 GOL E . -7.40 -13.48 -8.34
C1 GOL F . 7.90 -3.55 14.84
O1 GOL F . 6.62 -3.02 14.69
C2 GOL F . 7.78 -4.76 15.84
O2 GOL F . 7.17 -5.88 15.23
C3 GOL F . 9.25 -5.10 16.21
O3 GOL F . 9.65 -4.20 17.23
#